data_3MYX
#
_entry.id   3MYX
#
_cell.length_a   57.584
_cell.length_b   48.396
_cell.length_c   80.454
_cell.angle_alpha   90.000
_cell.angle_beta   108.210
_cell.angle_gamma   90.000
#
_symmetry.space_group_name_H-M   'P 1 21 1'
#
loop_
_entity.id
_entity.type
_entity.pdbx_description
1 polymer 'uncharacterized protein PSPTO_0244'
2 non-polymer 'CHLORIDE ION'
3 non-polymer 1,2-ETHANEDIOL
4 water water
#
_entity_poly.entity_id   1
_entity_poly.type   'polypeptide(L)'
_entity_poly.pdbx_seq_one_letter_code
;G(MSE)PQPTVLLLARADLSPVGTEFTTGPIDAHDPFDSGRRTAFVDEQGIAAGIVEFGTALSVEAYPYTE(MSE)LV
(MSE)HRGSVTLTSGTDSVTLSTGESAVIGRGTQVRIDAQPESLWAFCASTQASGPDKSGITALDRLALLTPSSPPDPSI
(MSE)ISPLPQCRSNNLFEDTASTLRIGVWDSTPYERISRPHKIHEL(MSE)NLIEGRVVLSLENGSSLTVNTGDTVFVA
QGAPCKWTSTGYVRKFYAVT
;
_entity_poly.pdbx_strand_id   A,B
#
loop_
_chem_comp.id
_chem_comp.type
_chem_comp.name
_chem_comp.formula
CL non-polymer 'CHLORIDE ION' 'Cl -1'
EDO non-polymer 1,2-ETHANEDIOL 'C2 H6 O2'
#
# COMPACT_ATOMS: atom_id res chain seq x y z
N GLN A 4 13.89 15.40 -2.25
CA GLN A 4 14.80 16.07 -3.22
C GLN A 4 14.37 15.72 -4.65
N PRO A 5 13.20 16.23 -5.09
CA PRO A 5 12.64 15.82 -6.40
C PRO A 5 13.63 16.09 -7.53
N THR A 6 13.76 15.14 -8.44
CA THR A 6 14.69 15.28 -9.53
C THR A 6 14.13 14.67 -10.82
N VAL A 7 14.95 14.77 -11.87
CA VAL A 7 14.69 14.21 -13.18
C VAL A 7 15.44 12.89 -13.26
N LEU A 8 14.70 11.83 -13.60
CA LEU A 8 15.24 10.47 -13.59
C LEU A 8 15.02 9.77 -14.92
N LEU A 9 16.11 9.42 -15.58
CA LEU A 9 16.04 8.60 -16.79
CA LEU A 9 16.05 8.60 -16.76
C LEU A 9 15.68 7.18 -16.35
N LEU A 10 14.55 6.65 -16.83
CA LEU A 10 14.09 5.31 -16.43
C LEU A 10 14.64 4.23 -17.35
N ALA A 11 14.64 4.47 -18.67
CA ALA A 11 15.16 3.51 -19.61
C ALA A 11 15.56 4.19 -20.90
N ARG A 12 16.67 3.73 -21.47
CA ARG A 12 17.11 4.15 -22.79
C ARG A 12 16.52 3.24 -23.85
N ALA A 13 16.40 3.76 -25.07
CA ALA A 13 15.91 2.96 -26.18
C ALA A 13 16.66 1.64 -26.35
N ASP A 14 17.99 1.69 -26.24
CA ASP A 14 18.83 0.50 -26.41
C ASP A 14 19.13 -0.23 -25.09
N LEU A 15 18.45 0.20 -24.03
CA LEU A 15 18.57 -0.44 -22.72
CA LEU A 15 18.57 -0.37 -22.69
C LEU A 15 20.00 -0.35 -22.14
N SER A 16 20.76 0.64 -22.57
CA SER A 16 22.05 0.98 -21.98
CA SER A 16 22.05 0.87 -21.96
C SER A 16 21.84 1.37 -20.53
N PRO A 17 22.87 1.21 -19.68
CA PRO A 17 22.73 1.61 -18.28
C PRO A 17 22.31 3.07 -18.11
N VAL A 18 21.46 3.31 -17.12
CA VAL A 18 21.05 4.65 -16.73
C VAL A 18 21.66 4.94 -15.34
N GLY A 19 21.85 6.20 -15.00
CA GLY A 19 22.40 6.53 -13.66
CA GLY A 19 22.35 6.63 -13.70
C GLY A 19 21.48 6.19 -12.49
C GLY A 19 21.16 6.96 -12.83
N THR A 20 20.20 6.09 -12.79
N THR A 20 20.32 5.95 -12.65
CA THR A 20 19.14 6.00 -11.82
C THR A 20 19.19 4.81 -10.88
N GLU A 21 18.99 5.08 -9.60
CA GLU A 21 18.90 4.05 -8.59
CA GLU A 21 18.91 4.05 -8.58
C GLU A 21 17.47 3.53 -8.51
N PHE A 22 17.31 2.22 -8.50
CA PHE A 22 15.99 1.58 -8.35
C PHE A 22 15.93 0.77 -7.06
N THR A 23 14.78 0.84 -6.39
CA THR A 23 14.49 0.02 -5.23
C THR A 23 13.71 -1.21 -5.69
N THR A 24 14.22 -2.40 -5.39
CA THR A 24 13.55 -3.63 -5.75
C THR A 24 12.55 -4.07 -4.67
N GLY A 25 11.34 -4.43 -5.10
CA GLY A 25 10.32 -4.97 -4.21
C GLY A 25 8.97 -4.35 -4.46
N PRO A 26 7.94 -4.87 -3.80
CA PRO A 26 6.62 -4.28 -3.95
C PRO A 26 6.61 -2.84 -3.48
N ILE A 27 5.83 -2.00 -4.16
CA ILE A 27 5.72 -0.60 -3.76
C ILE A 27 5.07 -0.51 -2.37
N ASP A 28 4.04 -1.33 -2.18
CA ASP A 28 3.32 -1.41 -0.93
C ASP A 28 2.70 -2.80 -0.82
N ALA A 29 1.93 -3.05 0.22
CA ALA A 29 1.42 -4.39 0.46
C ALA A 29 0.35 -4.84 -0.52
N HIS A 30 -0.08 -3.93 -1.42
CA HIS A 30 -1.02 -4.28 -2.48
C HIS A 30 -0.38 -4.60 -3.82
N ASP A 31 0.92 -4.35 -3.98
CA ASP A 31 1.55 -4.46 -5.31
C ASP A 31 1.54 -5.92 -5.74
N PRO A 32 1.03 -6.21 -6.94
CA PRO A 32 1.12 -7.60 -7.43
C PRO A 32 2.54 -8.00 -7.86
N PHE A 33 3.42 -7.02 -8.07
CA PHE A 33 4.81 -7.24 -8.45
C PHE A 33 5.68 -7.12 -7.21
N ASP A 34 6.82 -7.78 -7.23
CA ASP A 34 7.73 -7.77 -6.08
C ASP A 34 9.16 -7.76 -6.60
N SER A 35 9.74 -8.93 -6.90
CA SER A 35 11.13 -8.98 -7.39
C SER A 35 11.30 -8.24 -8.71
N GLY A 36 10.24 -8.22 -9.50
CA GLY A 36 10.26 -7.54 -10.79
C GLY A 36 10.03 -6.05 -10.74
N ARG A 37 9.56 -5.53 -9.60
CA ARG A 37 9.26 -4.11 -9.45
C ARG A 37 10.51 -3.34 -9.06
N ARG A 38 10.88 -2.37 -9.89
CA ARG A 38 12.10 -1.58 -9.70
C ARG A 38 11.66 -0.13 -9.68
N THR A 39 11.57 0.44 -8.48
CA THR A 39 10.99 1.76 -8.32
C THR A 39 12.08 2.82 -8.22
N ALA A 40 12.01 3.83 -9.09
CA ALA A 40 12.95 4.93 -9.09
C ALA A 40 12.49 6.10 -8.22
N PHE A 41 11.17 6.21 -8.02
CA PHE A 41 10.60 7.33 -7.32
C PHE A 41 9.25 6.92 -6.75
N VAL A 42 9.00 7.31 -5.50
CA VAL A 42 7.66 7.30 -4.97
CA VAL A 42 7.67 7.27 -4.92
C VAL A 42 7.54 8.47 -4.02
N ASP A 43 6.47 9.24 -4.18
CA ASP A 43 6.30 10.36 -3.25
CA ASP A 43 6.12 10.41 -3.43
C ASP A 43 5.30 10.01 -2.20
N GLU A 44 5.24 10.90 -1.22
CA GLU A 44 4.46 10.62 -0.04
CA GLU A 44 4.46 10.65 -0.04
C GLU A 44 2.99 10.39 -0.38
N GLN A 45 2.47 11.07 -1.42
N GLN A 45 2.45 11.09 -1.37
CA GLN A 45 1.07 10.98 -1.92
CA GLN A 45 1.06 10.89 -1.72
C GLN A 45 0.79 9.88 -2.96
C GLN A 45 0.81 9.59 -2.45
N GLY A 46 1.77 9.04 -3.19
CA GLY A 46 1.55 7.76 -3.84
C GLY A 46 1.92 7.62 -5.30
N ILE A 47 2.34 8.69 -5.95
CA ILE A 47 2.81 8.56 -7.33
C ILE A 47 4.16 7.84 -7.35
N ALA A 48 4.25 6.80 -8.18
CA ALA A 48 5.45 5.98 -8.29
C ALA A 48 5.85 5.83 -9.76
N ALA A 49 7.15 5.71 -10.00
CA ALA A 49 7.66 5.52 -11.34
C ALA A 49 8.89 4.63 -11.31
N GLY A 50 9.12 3.90 -12.39
CA GLY A 50 10.25 3.00 -12.44
C GLY A 50 10.14 2.09 -13.63
N ILE A 51 10.68 0.87 -13.46
CA ILE A 51 10.57 -0.17 -14.47
CA ILE A 51 10.69 -0.21 -14.44
C ILE A 51 10.11 -1.48 -13.82
N VAL A 52 9.53 -2.33 -14.65
CA VAL A 52 9.18 -3.70 -14.26
C VAL A 52 9.91 -4.64 -15.22
N GLU A 53 10.58 -5.65 -14.65
CA GLU A 53 11.17 -6.75 -15.41
C GLU A 53 10.32 -7.97 -15.09
N PHE A 54 9.77 -8.61 -16.11
CA PHE A 54 8.87 -9.73 -15.90
C PHE A 54 8.87 -10.64 -17.12
N GLY A 55 8.62 -11.92 -16.90
CA GLY A 55 8.72 -12.90 -17.97
C GLY A 55 7.73 -14.04 -17.92
N THR A 56 6.66 -13.88 -17.15
CA THR A 56 5.63 -14.87 -16.99
CA THR A 56 5.57 -14.87 -17.19
C THR A 56 4.24 -14.16 -17.04
N ALA A 57 3.18 -14.88 -16.70
CA ALA A 57 1.85 -14.29 -16.55
C ALA A 57 1.43 -14.26 -15.09
N LEU A 58 0.70 -13.21 -14.75
CA LEU A 58 0.04 -13.14 -13.45
CA LEU A 58 0.12 -13.00 -13.45
C LEU A 58 -1.32 -12.47 -13.62
N SER A 59 -2.25 -12.96 -12.82
CA SER A 59 -3.62 -12.47 -12.84
C SER A 59 -3.89 -11.70 -11.55
N VAL A 60 -4.55 -10.56 -11.68
CA VAL A 60 -4.89 -9.71 -10.56
C VAL A 60 -6.40 -9.50 -10.57
N GLU A 61 -7.07 -9.78 -9.45
CA GLU A 61 -8.54 -9.68 -9.43
CA GLU A 61 -8.54 -9.67 -9.38
C GLU A 61 -9.03 -8.23 -9.51
N ALA A 62 -8.34 -7.30 -8.84
CA ALA A 62 -8.71 -5.88 -8.87
C ALA A 62 -7.41 -5.09 -8.80
N TYR A 63 -6.97 -4.54 -9.93
CA TYR A 63 -5.65 -3.91 -9.95
C TYR A 63 -5.63 -2.77 -8.94
N PRO A 64 -4.59 -2.68 -8.10
CA PRO A 64 -4.68 -1.79 -6.95
C PRO A 64 -4.37 -0.33 -7.25
N TYR A 65 -3.80 -0.06 -8.42
CA TYR A 65 -3.33 1.25 -8.80
C TYR A 65 -3.94 1.64 -10.14
N THR A 66 -3.85 2.91 -10.50
CA THR A 66 -3.90 3.30 -11.91
C THR A 66 -2.48 3.24 -12.40
N GLU A 67 -2.21 2.48 -13.45
CA GLU A 67 -0.81 2.26 -13.88
C GLU A 67 -0.66 2.28 -15.41
N MSE A 68 0.28 3.09 -15.86
CA MSE A 68 0.66 3.19 -17.26
CA MSE A 68 0.64 3.20 -17.25
C MSE A 68 1.92 2.38 -17.48
O MSE A 68 2.87 2.47 -16.70
CB MSE A 68 0.97 4.63 -17.63
CB MSE A 68 0.85 4.68 -17.59
CG MSE A 68 1.45 4.76 -19.06
CG MSE A 68 1.15 4.98 -19.03
SE MSE A 68 2.03 6.56 -19.30
SE MSE A 68 3.03 5.18 -19.26
CE MSE A 68 2.12 6.60 -21.21
CE MSE A 68 2.96 6.35 -20.83
N LEU A 69 1.92 1.61 -18.57
CA LEU A 69 3.07 0.79 -19.00
C LEU A 69 3.56 1.29 -20.36
N VAL A 70 4.88 1.41 -20.50
CA VAL A 70 5.53 1.77 -21.75
CA VAL A 70 5.44 1.66 -21.82
C VAL A 70 6.58 0.67 -22.03
N MSE A 71 6.41 -0.11 -23.09
CA MSE A 71 7.28 -1.26 -23.35
CA MSE A 71 7.27 -1.26 -23.31
C MSE A 71 8.65 -0.85 -23.84
O MSE A 71 8.77 -0.03 -24.77
CB MSE A 71 6.67 -2.16 -24.41
CB MSE A 71 6.55 -2.24 -24.26
CG MSE A 71 5.37 -2.78 -24.04
CG MSE A 71 7.13 -3.65 -24.32
SE MSE A 71 5.44 -3.89 -22.47
SE MSE A 71 7.11 -4.61 -22.61
CE MSE A 71 7.07 -4.90 -22.85
CE MSE A 71 5.32 -4.18 -21.95
N HIS A 72 9.70 -1.46 -23.28
CA HIS A 72 11.08 -1.26 -23.73
C HIS A 72 11.75 -2.48 -24.33
N ARG A 73 11.33 -3.67 -23.91
CA ARG A 73 11.85 -4.92 -24.44
CA ARG A 73 11.83 -4.92 -24.47
C ARG A 73 10.79 -5.99 -24.27
N GLY A 74 10.71 -6.91 -25.22
CA GLY A 74 9.76 -7.99 -25.09
C GLY A 74 8.35 -7.58 -25.43
N SER A 75 7.41 -8.22 -24.76
CA SER A 75 6.01 -8.04 -25.10
C SER A 75 5.13 -8.41 -23.95
N VAL A 76 4.03 -7.68 -23.79
CA VAL A 76 3.03 -8.00 -22.78
CA VAL A 76 3.05 -8.06 -22.80
C VAL A 76 1.67 -8.04 -23.44
N THR A 77 0.86 -9.02 -23.09
CA THR A 77 -0.55 -9.03 -23.45
C THR A 77 -1.35 -8.86 -22.16
N LEU A 78 -2.18 -7.80 -22.15
CA LEU A 78 -3.06 -7.48 -21.05
C LEU A 78 -4.45 -7.98 -21.45
N THR A 79 -5.06 -8.80 -20.61
CA THR A 79 -6.41 -9.30 -20.86
CA THR A 79 -6.43 -9.23 -20.88
C THR A 79 -7.32 -8.94 -19.68
N SER A 80 -8.55 -8.53 -19.97
CA SER A 80 -9.57 -8.28 -18.99
C SER A 80 -10.88 -8.71 -19.63
N GLY A 81 -11.44 -9.82 -19.15
CA GLY A 81 -12.60 -10.41 -19.80
C GLY A 81 -12.31 -10.56 -21.29
N THR A 82 -13.23 -10.06 -22.11
CA THR A 82 -13.09 -10.14 -23.57
C THR A 82 -12.17 -9.09 -24.20
N ASP A 83 -11.61 -8.18 -23.40
CA ASP A 83 -10.65 -7.20 -23.93
C ASP A 83 -9.24 -7.79 -23.91
N SER A 84 -8.45 -7.47 -24.92
CA SER A 84 -7.06 -7.92 -25.02
C SER A 84 -6.26 -6.83 -25.72
N VAL A 85 -5.12 -6.48 -25.13
CA VAL A 85 -4.22 -5.47 -25.66
C VAL A 85 -2.81 -6.04 -25.61
N THR A 86 -2.11 -6.08 -26.73
CA THR A 86 -0.73 -6.54 -26.79
C THR A 86 0.18 -5.35 -27.06
N LEU A 87 1.23 -5.22 -26.24
CA LEU A 87 2.22 -4.16 -26.37
C LEU A 87 3.59 -4.72 -26.67
N SER A 88 4.14 -4.27 -27.76
CA SER A 88 5.54 -4.51 -28.09
CA SER A 88 5.54 -4.49 -28.12
C SER A 88 6.33 -3.23 -27.81
N THR A 89 7.64 -3.28 -27.99
CA THR A 89 8.52 -2.13 -27.75
C THR A 89 7.97 -0.87 -28.39
N GLY A 90 7.92 0.19 -27.59
CA GLY A 90 7.42 1.47 -28.04
C GLY A 90 5.93 1.69 -27.90
N GLU A 91 5.21 0.68 -27.43
CA GLU A 91 3.77 0.76 -27.29
C GLU A 91 3.42 0.88 -25.82
N SER A 92 2.26 1.47 -25.56
CA SER A 92 1.84 1.82 -24.22
CA SER A 92 1.84 1.80 -24.21
C SER A 92 0.35 1.56 -24.00
N ALA A 93 0.00 1.30 -22.75
CA ALA A 93 -1.39 1.14 -22.33
C ALA A 93 -1.52 1.57 -20.89
N VAL A 94 -2.77 1.73 -20.48
CA VAL A 94 -3.12 2.06 -19.10
C VAL A 94 -4.02 0.97 -18.52
N ILE A 95 -3.71 0.53 -17.31
CA ILE A 95 -4.60 -0.32 -16.50
C ILE A 95 -5.28 0.59 -15.49
N GLY A 96 -6.60 0.74 -15.59
CA GLY A 96 -7.31 1.56 -14.65
C GLY A 96 -7.36 0.90 -13.29
N ARG A 97 -7.53 1.70 -12.26
CA ARG A 97 -7.69 1.12 -10.93
CA ARG A 97 -7.70 1.16 -10.91
C ARG A 97 -8.94 0.24 -10.87
N GLY A 98 -8.80 -0.92 -10.24
CA GLY A 98 -9.90 -1.87 -10.07
C GLY A 98 -10.05 -2.89 -11.18
N THR A 99 -9.24 -2.79 -12.23
CA THR A 99 -9.36 -3.68 -13.38
C THR A 99 -9.02 -5.12 -13.00
N GLN A 100 -9.89 -6.05 -13.41
CA GLN A 100 -9.53 -7.47 -13.37
C GLN A 100 -8.65 -7.73 -14.57
N VAL A 101 -7.38 -8.06 -14.34
CA VAL A 101 -6.43 -8.07 -15.44
C VAL A 101 -5.43 -9.20 -15.31
N ARG A 102 -5.13 -9.81 -16.44
CA ARG A 102 -4.02 -10.76 -16.55
C ARG A 102 -2.92 -10.06 -17.36
N ILE A 103 -1.72 -10.07 -16.80
CA ILE A 103 -0.55 -9.46 -17.39
C ILE A 103 0.37 -10.61 -17.80
N ASP A 104 0.49 -10.81 -19.10
CA ASP A 104 1.18 -11.98 -19.65
C ASP A 104 2.40 -11.47 -20.43
N ALA A 105 3.58 -11.58 -19.82
CA ALA A 105 4.84 -11.09 -20.38
C ALA A 105 5.60 -12.24 -21.02
N GLN A 106 6.16 -11.95 -22.20
CA GLN A 106 7.12 -12.87 -22.78
CA GLN A 106 7.13 -12.84 -22.80
C GLN A 106 8.38 -12.86 -21.91
N PRO A 107 9.14 -13.97 -21.94
CA PRO A 107 10.36 -13.97 -21.13
C PRO A 107 11.24 -12.76 -21.41
N GLU A 108 11.84 -12.22 -20.35
N GLU A 108 11.88 -12.25 -20.34
CA GLU A 108 12.84 -11.15 -20.47
CA GLU A 108 12.83 -11.12 -20.37
C GLU A 108 12.21 -9.87 -21.04
C GLU A 108 12.24 -9.81 -20.92
N SER A 109 10.98 -9.56 -20.62
CA SER A 109 10.33 -8.31 -20.99
C SER A 109 10.63 -7.25 -19.93
N LEU A 110 10.56 -5.99 -20.36
CA LEU A 110 10.90 -4.85 -19.51
C LEU A 110 10.08 -3.67 -19.96
N TRP A 111 9.38 -3.04 -19.02
CA TRP A 111 8.64 -1.82 -19.30
C TRP A 111 8.87 -0.77 -18.25
N ALA A 112 8.72 0.49 -18.66
CA ALA A 112 8.66 1.58 -17.71
C ALA A 112 7.23 1.73 -17.21
N PHE A 113 7.07 2.25 -16.02
CA PHE A 113 5.74 2.49 -15.47
C PHE A 113 5.64 3.82 -14.75
N CYS A 114 4.42 4.34 -14.70
CA CYS A 114 4.01 5.36 -13.75
C CYS A 114 2.68 4.91 -13.16
N ALA A 115 2.61 4.90 -11.82
CA ALA A 115 1.42 4.45 -11.13
C ALA A 115 0.95 5.48 -10.13
N SER A 116 -0.36 5.66 -10.05
CA SER A 116 -0.98 6.32 -8.91
C SER A 116 -1.38 5.23 -7.94
N THR A 117 -0.66 5.15 -6.81
CA THR A 117 -0.93 4.12 -5.83
C THR A 117 -1.96 4.55 -4.78
N GLN A 118 -2.28 5.85 -4.74
CA GLN A 118 -3.34 6.37 -3.88
C GLN A 118 -4.57 6.70 -4.72
N ALA A 119 -5.74 6.28 -4.27
CA ALA A 119 -6.99 6.65 -4.93
C ALA A 119 -7.44 8.02 -4.45
N SER A 120 -7.89 8.86 -5.39
CA SER A 120 -8.48 10.17 -5.03
C SER A 120 -9.86 10.41 -5.63
N GLY A 121 -10.50 9.35 -6.05
CA GLY A 121 -11.85 9.40 -6.57
C GLY A 121 -12.17 8.00 -7.04
N PRO A 122 -13.30 7.83 -7.75
CA PRO A 122 -13.78 6.50 -8.06
C PRO A 122 -12.99 5.81 -9.19
N ASP A 123 -12.97 4.49 -9.16
CA ASP A 123 -12.27 3.68 -10.15
C ASP A 123 -12.84 3.93 -11.55
N LYS A 124 -11.94 4.06 -12.52
CA LYS A 124 -12.28 3.99 -13.94
C LYS A 124 -11.54 2.78 -14.50
N SER A 125 -12.19 1.63 -14.39
CA SER A 125 -11.54 0.35 -14.63
C SER A 125 -11.57 -0.02 -16.12
N GLY A 126 -10.59 -0.81 -16.51
CA GLY A 126 -10.43 -1.26 -17.88
C GLY A 126 -9.03 -0.98 -18.39
N ILE A 127 -8.73 -1.56 -19.53
CA ILE A 127 -7.45 -1.33 -20.19
CA ILE A 127 -7.47 -1.36 -20.22
C ILE A 127 -7.66 -0.36 -21.37
N THR A 128 -6.77 0.63 -21.48
CA THR A 128 -6.81 1.60 -22.57
C THR A 128 -5.49 1.55 -23.34
N ALA A 129 -5.54 1.16 -24.61
CA ALA A 129 -4.37 1.21 -25.49
C ALA A 129 -4.14 2.65 -25.94
N LEU A 130 -2.88 3.01 -26.18
CA LEU A 130 -2.49 4.40 -26.52
C LEU A 130 -1.75 4.40 -27.85
N ASP A 131 -2.41 4.87 -28.91
CA ASP A 131 -1.83 4.82 -30.25
C ASP A 131 -0.71 5.89 -30.39
N ARG A 132 0.50 5.46 -30.78
CA ARG A 132 1.60 6.38 -31.08
C ARG A 132 1.18 7.44 -32.10
N LEU A 133 0.29 7.08 -33.04
CA LEU A 133 -0.14 7.95 -34.12
C LEU A 133 -1.48 8.63 -33.82
N ALA A 134 -1.85 8.72 -32.54
CA ALA A 134 -3.08 9.41 -32.17
C ALA A 134 -3.18 10.80 -32.80
N LEU A 135 -4.39 11.18 -33.19
CA LEU A 135 -4.63 12.53 -33.72
C LEU A 135 -4.75 13.52 -32.57
N LEU A 136 -4.07 14.65 -32.70
CA LEU A 136 -3.92 15.61 -31.61
C LEU A 136 -4.61 16.92 -31.92
N THR A 137 -4.95 17.66 -30.88
CA THR A 137 -5.55 18.98 -31.05
C THR A 137 -4.73 20.03 -30.26
N PRO A 138 -4.79 21.31 -30.64
CA PRO A 138 -3.97 22.31 -29.94
C PRO A 138 -4.08 22.29 -28.43
N SER A 139 -2.94 22.45 -27.78
CA SER A 139 -2.83 22.45 -26.33
C SER A 139 -1.96 23.63 -25.86
N SER A 140 -1.93 23.87 -24.57
CA SER A 140 -1.27 25.07 -24.05
CA SER A 140 -1.28 25.07 -24.06
C SER A 140 0.24 25.02 -24.16
N PRO A 141 0.85 26.08 -24.74
CA PRO A 141 2.30 26.22 -24.61
C PRO A 141 2.66 26.58 -23.17
N PRO A 142 3.96 26.65 -22.86
CA PRO A 142 4.36 27.12 -21.52
C PRO A 142 3.97 28.57 -21.26
N ASP A 143 4.00 28.97 -19.99
CA ASP A 143 3.78 30.34 -19.55
C ASP A 143 4.72 31.25 -20.31
N PRO A 144 4.20 32.31 -20.94
CA PRO A 144 5.08 33.22 -21.67
C PRO A 144 6.25 33.77 -20.84
N SER A 145 6.03 33.91 -19.54
CA SER A 145 7.02 34.52 -18.64
C SER A 145 8.26 33.68 -18.41
N ILE A 146 8.19 32.39 -18.77
CA ILE A 146 9.36 31.51 -18.59
C ILE A 146 10.07 31.18 -19.90
N MSE A 147 9.65 31.80 -21.00
CA MSE A 147 10.16 31.45 -22.32
C MSE A 147 11.49 32.14 -22.62
O MSE A 147 11.69 33.31 -22.24
CB MSE A 147 9.16 31.85 -23.41
CG MSE A 147 7.88 31.07 -23.39
SE MSE A 147 8.06 29.14 -23.48
CE MSE A 147 9.03 29.09 -25.15
N ILE A 148 12.37 31.42 -23.32
CA ILE A 148 13.59 31.98 -23.93
C ILE A 148 13.34 32.15 -25.43
N SER A 149 12.87 31.08 -26.08
CA SER A 149 12.55 31.11 -27.49
C SER A 149 11.15 31.70 -27.68
N PRO A 150 10.74 31.93 -28.94
CA PRO A 150 9.32 32.19 -29.20
C PRO A 150 8.45 31.02 -28.70
N LEU A 151 7.19 31.31 -28.47
CA LEU A 151 6.27 30.28 -28.04
C LEU A 151 6.09 29.21 -29.12
N PRO A 152 6.04 27.94 -28.73
CA PRO A 152 5.81 26.85 -29.68
C PRO A 152 4.33 26.67 -29.99
N GLN A 153 4.05 25.82 -30.97
CA GLN A 153 2.72 25.24 -31.18
C GLN A 153 2.74 23.82 -30.64
N CYS A 154 1.88 23.57 -29.67
CA CYS A 154 1.78 22.28 -29.00
C CYS A 154 0.41 21.67 -29.31
N ARG A 155 0.37 20.34 -29.36
CA ARG A 155 -0.89 19.61 -29.50
C ARG A 155 -0.89 18.43 -28.53
N SER A 156 -2.08 17.98 -28.16
CA SER A 156 -2.22 16.80 -27.31
C SER A 156 -3.52 16.07 -27.56
N ASN A 157 -3.58 14.88 -27.02
CA ASN A 157 -4.81 14.10 -26.95
C ASN A 157 -4.73 13.34 -25.63
N ASN A 158 -5.59 13.73 -24.69
CA ASN A 158 -5.77 13.00 -23.43
C ASN A 158 -6.59 11.74 -23.67
N LEU A 159 -5.91 10.67 -24.04
CA LEU A 159 -6.55 9.40 -24.36
C LEU A 159 -7.13 8.72 -23.13
N PHE A 160 -6.59 9.04 -21.96
CA PHE A 160 -7.11 8.51 -20.69
C PHE A 160 -7.11 9.64 -19.67
N GLU A 161 -8.28 9.91 -19.11
CA GLU A 161 -8.43 10.87 -18.05
C GLU A 161 -8.99 10.14 -16.82
N ASP A 162 -8.16 9.94 -15.81
CA ASP A 162 -8.58 9.16 -14.68
C ASP A 162 -9.61 9.89 -13.82
N THR A 163 -10.45 9.11 -13.16
CA THR A 163 -11.23 9.62 -12.05
C THR A 163 -10.73 9.09 -10.70
N ALA A 164 -9.85 8.09 -10.69
CA ALA A 164 -9.28 7.56 -9.44
C ALA A 164 -7.98 8.26 -9.04
N SER A 165 -7.59 9.25 -9.83
CA SER A 165 -6.38 10.06 -9.60
C SER A 165 -6.51 11.25 -10.52
N THR A 166 -5.56 12.18 -10.44
CA THR A 166 -5.50 13.29 -11.39
C THR A 166 -4.71 12.96 -12.65
N LEU A 167 -4.33 11.71 -12.87
CA LEU A 167 -3.59 11.34 -14.06
C LEU A 167 -4.33 11.66 -15.34
N ARG A 168 -3.63 12.30 -16.26
CA ARG A 168 -4.05 12.43 -17.64
C ARG A 168 -2.91 11.84 -18.46
N ILE A 169 -3.28 10.95 -19.36
CA ILE A 169 -2.33 10.12 -20.11
C ILE A 169 -2.65 10.20 -21.60
N GLY A 170 -1.63 10.43 -22.42
CA GLY A 170 -1.90 10.57 -23.83
C GLY A 170 -0.66 10.80 -24.64
N VAL A 171 -0.85 11.49 -25.77
CA VAL A 171 0.19 11.79 -26.71
C VAL A 171 0.20 13.31 -26.91
N TRP A 172 1.43 13.87 -26.99
CA TRP A 172 1.65 15.31 -27.15
C TRP A 172 2.70 15.54 -28.19
N ASP A 173 2.61 16.66 -28.91
CA ASP A 173 3.72 17.07 -29.74
C ASP A 173 3.93 18.57 -29.70
N SER A 174 5.09 18.98 -30.19
CA SER A 174 5.45 20.39 -30.13
C SER A 174 6.51 20.71 -31.14
N THR A 175 6.42 21.93 -31.65
CA THR A 175 7.50 22.56 -32.39
C THR A 175 8.60 22.93 -31.36
N PRO A 176 9.79 23.35 -31.84
CA PRO A 176 10.92 23.58 -30.94
C PRO A 176 10.69 24.71 -29.97
N TYR A 177 11.22 24.57 -28.76
CA TYR A 177 11.25 25.69 -27.82
C TYR A 177 12.26 25.52 -26.73
N GLU A 178 12.51 26.65 -26.06
CA GLU A 178 13.45 26.72 -24.94
C GLU A 178 12.85 27.62 -23.88
N ARG A 179 12.89 27.16 -22.64
CA ARG A 179 12.43 27.93 -21.50
C ARG A 179 13.46 27.89 -20.40
N ILE A 180 13.29 28.75 -19.42
CA ILE A 180 14.16 28.76 -18.26
C ILE A 180 13.87 27.59 -17.34
N SER A 181 14.82 27.27 -16.49
CA SER A 181 14.61 26.24 -15.48
C SER A 181 13.52 26.65 -14.51
N ARG A 182 12.61 25.73 -14.22
CA ARG A 182 11.53 25.91 -13.26
CA ARG A 182 11.56 25.92 -13.23
C ARG A 182 11.29 24.60 -12.51
N PRO A 183 10.83 24.68 -11.25
CA PRO A 183 10.40 23.43 -10.59
C PRO A 183 9.17 22.88 -11.29
N HIS A 184 9.17 21.59 -11.61
CA HIS A 184 8.05 21.04 -12.38
C HIS A 184 6.76 21.17 -11.60
N LYS A 185 5.70 21.64 -12.24
CA LYS A 185 4.44 21.91 -11.55
C LYS A 185 3.68 20.64 -11.16
N ILE A 186 3.93 19.57 -11.90
CA ILE A 186 3.26 18.29 -11.73
C ILE A 186 4.27 17.17 -11.90
N HIS A 187 3.86 15.95 -11.60
CA HIS A 187 4.64 14.77 -11.92
C HIS A 187 4.46 14.43 -13.38
N GLU A 188 5.53 14.05 -14.06
CA GLU A 188 5.43 13.72 -15.49
C GLU A 188 6.32 12.57 -15.92
N LEU A 189 5.73 11.51 -16.49
CA LEU A 189 6.46 10.52 -17.25
C LEU A 189 6.36 10.91 -18.70
N MSE A 190 7.49 10.84 -19.41
CA MSE A 190 7.54 11.06 -20.86
CA MSE A 190 7.44 10.99 -20.84
C MSE A 190 8.29 9.92 -21.52
O MSE A 190 9.34 9.52 -21.04
CB MSE A 190 8.32 12.33 -21.21
CB MSE A 190 7.85 12.38 -21.29
CG MSE A 190 7.95 13.57 -20.45
CG MSE A 190 9.29 12.73 -21.09
SE MSE A 190 8.98 15.12 -21.02
SE MSE A 190 9.63 14.55 -21.65
CE MSE A 190 10.61 14.18 -21.49
CE MSE A 190 9.64 15.44 -19.89
N ASN A 191 7.78 9.45 -22.65
CA ASN A 191 8.50 8.53 -23.49
C ASN A 191 8.49 9.13 -24.88
N LEU A 192 9.66 9.34 -25.47
CA LEU A 192 9.70 10.07 -26.74
C LEU A 192 9.42 9.15 -27.92
N ILE A 193 8.36 9.49 -28.65
CA ILE A 193 7.98 8.82 -29.89
C ILE A 193 8.82 9.37 -31.05
N GLU A 194 9.03 10.69 -31.09
CA GLU A 194 9.89 11.32 -32.07
C GLU A 194 10.67 12.42 -31.38
N GLY A 195 11.87 12.70 -31.90
CA GLY A 195 12.67 13.80 -31.51
C GLY A 195 13.52 13.56 -30.29
N ARG A 196 14.01 14.66 -29.74
CA ARG A 196 14.91 14.64 -28.60
CA ARG A 196 14.87 14.62 -28.58
C ARG A 196 14.81 15.94 -27.82
N VAL A 197 15.11 15.89 -26.53
CA VAL A 197 15.07 17.06 -25.69
C VAL A 197 16.22 17.02 -24.71
N VAL A 198 16.77 18.20 -24.42
CA VAL A 198 17.77 18.35 -23.38
C VAL A 198 17.11 18.95 -22.14
N LEU A 199 17.21 18.21 -21.04
CA LEU A 199 16.74 18.65 -19.74
C LEU A 199 17.98 19.02 -18.90
N SER A 200 18.08 20.31 -18.59
CA SER A 200 19.20 20.81 -17.76
C SER A 200 18.75 20.87 -16.30
N LEU A 201 19.57 20.35 -15.37
CA LEU A 201 19.07 19.98 -14.01
C LEU A 201 19.52 20.85 -12.82
N GLU A 202 18.80 20.69 -11.68
CA GLU A 202 19.08 21.48 -10.45
C GLU A 202 20.56 21.51 -10.10
N ASN A 203 21.22 20.35 -10.19
CA ASN A 203 22.66 20.25 -9.89
C ASN A 203 23.59 20.77 -11.02
N GLY A 204 23.04 21.35 -12.07
CA GLY A 204 23.84 21.91 -13.18
C GLY A 204 24.36 20.92 -14.22
N SER A 205 23.86 19.68 -14.19
CA SER A 205 24.17 18.66 -15.20
C SER A 205 23.09 18.65 -16.29
N SER A 206 23.30 17.83 -17.32
CA SER A 206 22.37 17.79 -18.46
C SER A 206 21.97 16.36 -18.82
N LEU A 207 20.69 16.15 -19.11
CA LEU A 207 20.20 14.87 -19.59
CA LEU A 207 20.22 14.86 -19.59
C LEU A 207 19.63 15.04 -20.99
N THR A 208 20.20 14.32 -21.96
CA THR A 208 19.64 14.25 -23.29
C THR A 208 18.68 13.08 -23.33
N VAL A 209 17.41 13.38 -23.59
CA VAL A 209 16.38 12.37 -23.72
C VAL A 209 16.17 12.16 -25.20
N ASN A 210 16.52 10.97 -25.66
CA ASN A 210 16.46 10.62 -27.05
C ASN A 210 15.20 9.87 -27.41
N THR A 211 14.97 9.72 -28.70
CA THR A 211 13.83 8.99 -29.18
C THR A 211 13.85 7.57 -28.60
N GLY A 212 12.73 7.14 -28.03
CA GLY A 212 12.62 5.81 -27.46
C GLY A 212 13.04 5.71 -26.00
N ASP A 213 13.49 6.81 -25.43
CA ASP A 213 13.83 6.86 -23.99
C ASP A 213 12.61 7.24 -23.16
N THR A 214 12.58 6.76 -21.92
CA THR A 214 11.58 7.18 -20.95
C THR A 214 12.26 7.89 -19.78
N VAL A 215 11.72 9.06 -19.43
CA VAL A 215 12.19 9.87 -18.32
C VAL A 215 11.01 10.20 -17.41
N PHE A 216 11.29 10.37 -16.13
CA PHE A 216 10.32 10.80 -15.13
C PHE A 216 10.80 12.09 -14.49
N VAL A 217 9.93 13.10 -14.49
CA VAL A 217 10.21 14.37 -13.84
C VAL A 217 9.28 14.51 -12.64
N ALA A 218 9.83 14.44 -11.44
CA ALA A 218 9.02 14.57 -10.23
C ALA A 218 8.51 15.98 -10.07
N GLN A 219 7.31 16.10 -9.51
CA GLN A 219 6.78 17.40 -9.13
CA GLN A 219 6.79 17.40 -9.14
C GLN A 219 7.80 18.12 -8.24
N GLY A 220 8.10 19.36 -8.59
CA GLY A 220 9.07 20.18 -7.86
C GLY A 220 10.49 20.07 -8.37
N ALA A 221 10.77 19.12 -9.27
CA ALA A 221 12.13 18.95 -9.78
C ALA A 221 12.50 20.16 -10.66
N PRO A 222 13.59 20.86 -10.32
CA PRO A 222 14.02 21.91 -11.24
C PRO A 222 14.52 21.31 -12.54
N CYS A 223 14.04 21.88 -13.63
CA CYS A 223 14.25 21.36 -14.95
CA CYS A 223 14.61 21.53 -14.90
C CYS A 223 14.19 22.51 -15.96
N LYS A 224 15.17 22.63 -16.84
CA LYS A 224 15.10 23.48 -18.02
CA LYS A 224 15.08 23.48 -18.03
C LYS A 224 14.84 22.58 -19.22
N TRP A 225 13.94 23.00 -20.11
CA TRP A 225 13.66 22.29 -21.35
C TRP A 225 14.27 23.04 -22.51
N THR A 226 15.02 22.34 -23.35
CA THR A 226 15.47 22.85 -24.66
C THR A 226 15.26 21.80 -25.72
N SER A 227 14.46 22.13 -26.71
CA SER A 227 14.33 21.31 -27.91
C SER A 227 14.62 22.20 -29.12
N THR A 228 15.39 21.67 -30.04
CA THR A 228 15.72 22.39 -31.27
C THR A 228 15.00 21.82 -32.48
N GLY A 229 14.19 20.77 -32.26
CA GLY A 229 13.37 20.16 -33.30
C GLY A 229 12.05 19.74 -32.69
N TYR A 230 11.17 19.26 -33.56
CA TYR A 230 9.91 18.65 -33.17
C TYR A 230 10.11 17.53 -32.17
N VAL A 231 9.20 17.44 -31.21
CA VAL A 231 9.13 16.35 -30.24
C VAL A 231 7.73 15.82 -30.19
N ARG A 232 7.61 14.50 -30.12
CA ARG A 232 6.33 13.85 -29.86
C ARG A 232 6.55 12.86 -28.75
N LYS A 233 5.64 12.81 -27.79
CA LYS A 233 5.82 11.95 -26.64
C LYS A 233 4.53 11.34 -26.15
N PHE A 234 4.64 10.15 -25.56
CA PHE A 234 3.64 9.67 -24.62
C PHE A 234 3.89 10.42 -23.33
N TYR A 235 2.80 10.75 -22.61
CA TYR A 235 2.92 11.34 -21.30
C TYR A 235 1.94 10.75 -20.31
N ALA A 236 2.34 10.77 -19.05
CA ALA A 236 1.44 10.65 -17.91
C ALA A 236 1.74 11.85 -17.04
N VAL A 237 0.73 12.69 -16.78
CA VAL A 237 0.92 13.84 -15.90
C VAL A 237 -0.13 13.85 -14.81
N THR A 238 0.23 14.33 -13.63
CA THR A 238 -0.74 14.57 -12.58
C THR A 238 -1.34 15.95 -12.66
N GLN B 4 -6.98 -18.15 0.93
CA GLN B 4 -7.87 -18.85 1.88
C GLN B 4 -7.74 -18.20 3.26
N PRO B 5 -8.88 -17.86 3.91
CA PRO B 5 -8.78 -17.25 5.23
C PRO B 5 -8.23 -18.24 6.24
N THR B 6 -7.29 -17.76 7.05
CA THR B 6 -6.69 -18.61 8.06
CA THR B 6 -6.58 -18.58 8.01
C THR B 6 -6.38 -17.85 9.35
N VAL B 7 -5.78 -18.57 10.28
CA VAL B 7 -5.38 -18.08 11.57
C VAL B 7 -3.87 -17.86 11.54
N LEU B 8 -3.44 -16.68 11.96
CA LEU B 8 -2.04 -16.24 11.84
C LEU B 8 -1.51 -15.77 13.19
N LEU B 9 -0.49 -16.44 13.71
CA LEU B 9 0.19 -15.95 14.90
CA LEU B 9 0.24 -15.97 14.86
C LEU B 9 0.99 -14.71 14.48
N LEU B 10 0.77 -13.60 15.15
CA LEU B 10 1.50 -12.37 14.84
C LEU B 10 2.78 -12.23 15.64
N ALA B 11 2.75 -12.52 16.93
CA ALA B 11 3.94 -12.45 17.77
C ALA B 11 3.75 -13.31 19.00
N ARG B 12 4.86 -13.94 19.38
CA ARG B 12 4.94 -14.66 20.65
C ARG B 12 5.37 -13.71 21.76
N ALA B 13 5.00 -14.04 22.99
CA ALA B 13 5.41 -13.24 24.14
C ALA B 13 6.94 -13.06 24.18
N ASP B 14 7.66 -14.11 23.85
CA ASP B 14 9.12 -14.08 23.90
C ASP B 14 9.77 -13.59 22.59
N LEU B 15 8.93 -13.20 21.63
CA LEU B 15 9.36 -12.71 20.32
C LEU B 15 10.21 -13.70 19.54
N SER B 16 10.01 -14.99 19.81
CA SER B 16 10.65 -16.02 19.02
C SER B 16 10.02 -16.08 17.64
N PRO B 17 10.73 -16.61 16.65
CA PRO B 17 10.20 -16.63 15.29
CA PRO B 17 10.19 -16.61 15.30
C PRO B 17 8.88 -17.38 15.18
N VAL B 18 7.99 -16.87 14.34
CA VAL B 18 6.73 -17.53 14.05
C VAL B 18 6.76 -17.95 12.59
N GLY B 19 5.86 -18.84 12.23
CA GLY B 19 5.77 -19.34 10.86
C GLY B 19 5.10 -18.38 9.90
N THR B 20 4.47 -17.33 10.43
CA THR B 20 3.75 -16.33 9.66
C THR B 20 4.68 -15.55 8.75
N GLU B 21 4.27 -15.41 7.49
CA GLU B 21 4.98 -14.57 6.53
CA GLU B 21 4.98 -14.59 6.52
C GLU B 21 4.56 -13.12 6.69
N PHE B 22 5.52 -12.21 6.59
CA PHE B 22 5.26 -10.79 6.67
C PHE B 22 5.87 -10.10 5.47
N THR B 23 5.12 -9.16 4.90
CA THR B 23 5.64 -8.27 3.86
C THR B 23 6.08 -6.97 4.52
N THR B 24 7.35 -6.63 4.35
CA THR B 24 7.90 -5.40 4.88
C THR B 24 7.56 -4.23 3.98
N GLY B 25 7.22 -3.09 4.57
CA GLY B 25 6.99 -1.87 3.81
C GLY B 25 5.63 -1.29 4.12
N PRO B 26 5.28 -0.17 3.46
CA PRO B 26 4.00 0.47 3.75
C PRO B 26 2.83 -0.40 3.35
N ILE B 27 1.75 -0.35 4.12
CA ILE B 27 0.56 -1.07 3.73
C ILE B 27 0.02 -0.50 2.40
N ASP B 28 -0.01 0.82 2.33
CA ASP B 28 -0.51 1.52 1.16
C ASP B 28 0.12 2.90 1.12
N ALA B 29 -0.33 3.71 0.18
CA ALA B 29 0.26 5.03 -0.03
C ALA B 29 0.15 5.97 1.16
N HIS B 30 -0.82 5.72 2.04
CA HIS B 30 -1.05 6.54 3.23
C HIS B 30 -0.18 6.17 4.45
N ASP B 31 0.45 4.99 4.44
CA ASP B 31 1.05 4.47 5.69
C ASP B 31 2.16 5.40 6.17
N PRO B 32 2.12 5.85 7.44
CA PRO B 32 3.25 6.62 7.96
C PRO B 32 4.51 5.79 8.13
N PHE B 33 4.34 4.47 8.25
CA PHE B 33 5.45 3.56 8.44
C PHE B 33 5.93 2.99 7.11
N ASP B 34 7.18 2.54 7.11
CA ASP B 34 7.78 1.98 5.91
C ASP B 34 8.48 0.67 6.29
N SER B 35 9.79 0.67 6.51
CA SER B 35 10.49 -0.59 6.77
C SER B 35 10.11 -1.25 8.09
N GLY B 36 9.59 -0.45 9.02
CA GLY B 36 9.08 -0.97 10.29
C GLY B 36 7.78 -1.74 10.20
N ARG B 37 6.99 -1.49 9.17
CA ARG B 37 5.70 -2.13 9.01
C ARG B 37 5.88 -3.53 8.42
N ARG B 38 5.29 -4.52 9.08
CA ARG B 38 5.39 -5.92 8.68
C ARG B 38 3.97 -6.45 8.60
N THR B 39 3.46 -6.59 7.39
CA THR B 39 2.05 -6.91 7.18
C THR B 39 1.89 -8.41 6.95
N ALA B 40 1.09 -9.05 7.80
CA ALA B 40 0.78 -10.48 7.67
C ALA B 40 -0.50 -10.74 6.86
N PHE B 41 -1.36 -9.71 6.76
CA PHE B 41 -2.70 -9.86 6.21
C PHE B 41 -3.20 -8.51 5.75
N VAL B 42 -3.75 -8.45 4.55
CA VAL B 42 -4.56 -7.31 4.15
C VAL B 42 -5.58 -7.80 3.15
N ASP B 43 -6.84 -7.42 3.34
CA ASP B 43 -7.87 -7.87 2.43
C ASP B 43 -8.53 -6.72 1.69
N GLU B 44 -9.48 -7.08 0.82
CA GLU B 44 -10.09 -6.12 -0.10
C GLU B 44 -10.92 -5.07 0.62
N GLN B 45 -11.43 -5.39 1.80
CA GLN B 45 -12.15 -4.38 2.58
C GLN B 45 -11.20 -3.48 3.40
N GLY B 46 -9.90 -3.72 3.29
CA GLY B 46 -8.89 -2.83 3.86
C GLY B 46 -8.39 -3.19 5.25
N ILE B 47 -8.88 -4.29 5.79
CA ILE B 47 -8.41 -4.71 7.11
C ILE B 47 -7.01 -5.29 6.98
N ALA B 48 -6.09 -4.82 7.81
CA ALA B 48 -4.69 -5.26 7.78
C ALA B 48 -4.29 -5.66 9.18
N ALA B 49 -3.37 -6.61 9.26
CA ALA B 49 -2.83 -7.03 10.55
C ALA B 49 -1.37 -7.42 10.39
N GLY B 50 -0.61 -7.28 11.47
CA GLY B 50 0.80 -7.59 11.42
C GLY B 50 1.50 -7.07 12.64
N ILE B 51 2.78 -6.73 12.45
CA ILE B 51 3.54 -6.11 13.52
CA ILE B 51 3.64 -6.20 13.49
C ILE B 51 4.26 -4.90 12.98
N VAL B 52 4.63 -4.01 13.91
CA VAL B 52 5.49 -2.87 13.62
C VAL B 52 6.69 -2.92 14.55
N GLU B 53 7.88 -2.74 13.98
CA GLU B 53 9.09 -2.55 14.73
CA GLU B 53 9.06 -2.49 14.78
C GLU B 53 9.45 -1.06 14.55
N PHE B 54 9.69 -0.32 15.63
CA PHE B 54 9.96 1.11 15.50
C PHE B 54 10.77 1.54 16.70
N GLY B 55 11.69 2.47 16.47
CA GLY B 55 12.58 2.96 17.53
C GLY B 55 12.98 4.40 17.39
N THR B 56 12.19 5.17 16.64
CA THR B 56 12.45 6.59 16.46
C THR B 56 11.09 7.29 16.66
N ALA B 57 10.92 8.46 16.07
CA ALA B 57 9.69 9.23 16.21
C ALA B 57 9.21 9.72 14.86
N LEU B 58 7.89 9.79 14.70
CA LEU B 58 7.29 10.38 13.52
C LEU B 58 6.00 11.08 13.92
N SER B 59 5.57 12.01 13.08
CA SER B 59 4.34 12.77 13.29
C SER B 59 3.45 12.62 12.10
N VAL B 60 2.16 12.52 12.36
CA VAL B 60 1.14 12.35 11.33
C VAL B 60 0.07 13.43 11.55
N GLU B 61 -0.25 14.17 10.51
CA GLU B 61 -1.24 15.25 10.65
CA GLU B 61 -1.24 15.25 10.61
C GLU B 61 -2.65 14.70 10.82
N ALA B 62 -2.99 13.64 10.07
CA ALA B 62 -4.31 13.04 10.14
C ALA B 62 -4.14 11.54 9.92
N TYR B 63 -4.19 10.77 11.00
CA TYR B 63 -3.84 9.36 10.90
C TYR B 63 -4.77 8.70 9.86
N PRO B 64 -4.20 7.93 8.92
CA PRO B 64 -5.00 7.48 7.77
C PRO B 64 -5.89 6.29 8.04
N TYR B 65 -5.65 5.62 9.17
CA TYR B 65 -6.32 4.38 9.51
C TYR B 65 -6.97 4.50 10.87
N THR B 66 -7.90 3.59 11.19
CA THR B 66 -8.18 3.27 12.58
C THR B 66 -7.22 2.15 12.92
N GLU B 67 -6.35 2.34 13.92
CA GLU B 67 -5.32 1.33 14.19
C GLU B 67 -5.20 1.04 15.67
N MSE B 68 -5.27 -0.25 15.98
CA MSE B 68 -5.08 -0.72 17.35
CA MSE B 68 -5.10 -0.74 17.35
C MSE B 68 -3.67 -1.30 17.44
O MSE B 68 -3.24 -2.06 16.56
CB MSE B 68 -6.10 -1.77 17.72
CB MSE B 68 -6.11 -1.83 17.65
CG MSE B 68 -5.99 -2.24 19.16
CG MSE B 68 -6.02 -2.41 19.05
SE MSE B 68 -6.68 -4.02 19.25
SE MSE B 68 -4.94 -3.96 19.12
CE MSE B 68 -6.67 -4.26 21.17
CE MSE B 68 -5.81 -4.77 20.68
N LEU B 69 -2.97 -0.93 18.51
CA LEU B 69 -1.58 -1.32 18.83
CA LEU B 69 -1.67 -1.51 18.74
C LEU B 69 -1.58 -2.12 20.12
N VAL B 70 -0.87 -3.25 20.18
CA VAL B 70 -0.65 -4.04 21.40
CA VAL B 70 -0.63 -3.90 21.47
C VAL B 70 0.86 -4.22 21.55
N MSE B 71 1.47 -3.72 22.60
CA MSE B 71 2.93 -3.76 22.74
CA MSE B 71 2.93 -3.74 22.70
C MSE B 71 3.47 -5.12 23.08
O MSE B 71 2.94 -5.81 23.98
CB MSE B 71 3.38 -2.82 23.84
CB MSE B 71 3.43 -2.66 23.67
CG MSE B 71 3.04 -1.38 23.64
CG MSE B 71 4.92 -2.29 23.56
SE MSE B 71 3.77 -0.58 22.03
SE MSE B 71 5.36 -1.00 22.13
CE MSE B 71 5.44 -1.51 21.92
CE MSE B 71 3.92 0.27 22.40
N HIS B 72 4.54 -5.52 22.40
CA HIS B 72 5.30 -6.73 22.70
C HIS B 72 6.70 -6.46 23.26
N ARG B 73 7.27 -5.30 23.01
CA ARG B 73 8.61 -4.95 23.49
CA ARG B 73 8.61 -4.95 23.49
C ARG B 73 8.77 -3.44 23.45
N GLY B 74 9.61 -2.92 24.33
CA GLY B 74 9.94 -1.49 24.31
C GLY B 74 8.85 -0.62 24.89
N SER B 75 8.73 0.58 24.36
CA SER B 75 7.80 1.57 24.90
C SER B 75 7.55 2.63 23.85
N VAL B 76 6.29 3.00 23.70
CA VAL B 76 5.88 4.03 22.77
CA VAL B 76 5.93 4.06 22.78
C VAL B 76 5.04 5.07 23.48
N THR B 77 5.25 6.35 23.18
CA THR B 77 4.40 7.43 23.64
C THR B 77 3.69 8.01 22.44
N LEU B 78 2.36 8.02 22.55
CA LEU B 78 1.45 8.57 21.55
C LEU B 78 0.95 9.91 22.08
N THR B 79 1.17 10.98 21.34
CA THR B 79 0.75 12.32 21.72
CA THR B 79 0.68 12.29 21.75
C THR B 79 -0.19 12.93 20.68
N SER B 80 -1.30 13.52 21.12
CA SER B 80 -2.20 14.22 20.22
C SER B 80 -2.67 15.45 20.99
N GLY B 81 -2.19 16.62 20.60
CA GLY B 81 -2.49 17.82 21.38
C GLY B 81 -2.08 17.62 22.82
N THR B 82 -2.98 17.93 23.74
CA THR B 82 -2.76 17.76 25.16
C THR B 82 -2.95 16.32 25.68
N ASP B 83 -3.33 15.38 24.82
CA ASP B 83 -3.44 13.97 25.25
C ASP B 83 -2.11 13.24 25.06
N SER B 84 -1.76 12.40 26.02
CA SER B 84 -0.53 11.59 25.93
C SER B 84 -0.82 10.24 26.55
N VAL B 85 -0.41 9.19 25.85
CA VAL B 85 -0.56 7.80 26.26
C VAL B 85 0.77 7.08 26.04
N THR B 86 1.32 6.50 27.10
CA THR B 86 2.54 5.70 27.01
C THR B 86 2.20 4.23 27.20
N LEU B 87 2.77 3.39 26.34
CA LEU B 87 2.51 1.95 26.31
C LEU B 87 3.83 1.18 26.41
N SER B 88 3.91 0.30 27.38
CA SER B 88 5.00 -0.68 27.48
C SER B 88 4.43 -2.06 27.24
N THR B 89 5.27 -3.09 27.35
CA THR B 89 4.86 -4.45 27.01
C THR B 89 3.53 -4.82 27.66
N GLY B 90 2.62 -5.33 26.84
CA GLY B 90 1.32 -5.78 27.31
C GLY B 90 0.25 -4.71 27.37
N GLU B 91 0.60 -3.47 27.02
CA GLU B 91 -0.36 -2.36 27.01
C GLU B 91 -0.81 -2.05 25.59
N SER B 92 -1.99 -1.46 25.48
CA SER B 92 -2.63 -1.29 24.18
CA SER B 92 -2.63 -1.27 24.18
C SER B 92 -3.36 0.05 24.08
N ALA B 93 -3.52 0.54 22.87
CA ALA B 93 -4.28 1.76 22.58
C ALA B 93 -4.80 1.69 21.18
N VAL B 94 -5.74 2.57 20.89
CA VAL B 94 -6.28 2.76 19.56
C VAL B 94 -6.03 4.18 19.13
N ILE B 95 -5.56 4.34 17.89
CA ILE B 95 -5.48 5.63 17.22
C ILE B 95 -6.67 5.70 16.26
N GLY B 96 -7.58 6.64 16.50
CA GLY B 96 -8.72 6.78 15.61
C GLY B 96 -8.32 7.36 14.26
N ARG B 97 -9.11 7.08 13.23
CA ARG B 97 -8.89 7.71 11.96
CA ARG B 97 -8.90 7.70 11.94
C ARG B 97 -8.99 9.23 12.10
N GLY B 98 -8.05 9.94 11.48
CA GLY B 98 -8.04 11.37 11.48
C GLY B 98 -7.26 12.00 12.62
N THR B 99 -6.73 11.20 13.53
CA THR B 99 -6.01 11.75 14.70
C THR B 99 -4.72 12.41 14.28
N GLN B 100 -4.46 13.62 14.80
CA GLN B 100 -3.15 14.25 14.68
C GLN B 100 -2.30 13.61 15.79
N VAL B 101 -1.23 12.92 15.44
CA VAL B 101 -0.53 12.12 16.42
C VAL B 101 0.95 12.06 16.16
N ARG B 102 1.72 12.15 17.24
CA ARG B 102 3.14 11.86 17.21
CA ARG B 102 3.14 11.87 17.23
CA ARG B 102 3.15 11.86 17.23
C ARG B 102 3.37 10.53 17.90
N ILE B 103 4.21 9.71 17.28
CA ILE B 103 4.52 8.39 17.75
C ILE B 103 6.02 8.35 18.03
N ASP B 104 6.38 8.15 19.30
CA ASP B 104 7.76 8.26 19.77
C ASP B 104 8.15 6.98 20.48
N ALA B 105 8.99 6.16 19.85
CA ALA B 105 9.32 4.85 20.36
C ALA B 105 10.75 4.76 20.89
N GLN B 106 10.91 3.98 21.95
CA GLN B 106 12.24 3.60 22.43
C GLN B 106 12.85 2.57 21.47
N PRO B 107 14.17 2.38 21.53
CA PRO B 107 14.81 1.46 20.59
C PRO B 107 14.21 0.05 20.61
N GLU B 108 14.05 -0.54 19.42
CA GLU B 108 13.57 -1.92 19.27
CA GLU B 108 13.58 -1.92 19.28
C GLU B 108 12.20 -2.15 19.92
N SER B 109 11.33 -1.13 19.86
CA SER B 109 9.96 -1.33 20.27
C SER B 109 9.24 -2.13 19.19
N LEU B 110 8.27 -2.92 19.62
CA LEU B 110 7.55 -3.78 18.73
C LEU B 110 6.13 -3.93 19.21
N TRP B 111 5.18 -3.74 18.31
CA TRP B 111 3.77 -3.99 18.59
C TRP B 111 3.08 -4.75 17.50
N ALA B 112 2.04 -5.50 17.89
CA ALA B 112 1.13 -6.08 16.93
C ALA B 112 0.06 -5.04 16.62
N PHE B 113 -0.48 -5.11 15.41
CA PHE B 113 -1.50 -4.15 15.00
C PHE B 113 -2.63 -4.82 14.24
N CYS B 114 -3.79 -4.17 14.34
CA CYS B 114 -4.89 -4.40 13.41
C CYS B 114 -5.38 -3.03 12.99
N ALA B 115 -5.48 -2.80 11.68
CA ALA B 115 -5.87 -1.49 11.15
C ALA B 115 -7.00 -1.62 10.14
N SER B 116 -7.93 -0.68 10.20
CA SER B 116 -8.84 -0.47 9.12
C SER B 116 -8.26 0.61 8.24
N THR B 117 -7.89 0.24 7.03
CA THR B 117 -7.22 1.18 6.12
C THR B 117 -8.14 1.89 5.15
N GLN B 118 -9.39 1.42 5.06
CA GLN B 118 -10.44 2.08 4.28
C GLN B 118 -11.53 2.51 5.24
N ALA B 119 -12.12 3.66 4.98
CA ALA B 119 -13.19 4.18 5.81
C ALA B 119 -14.56 3.71 5.36
N SER B 120 -15.40 3.35 6.32
CA SER B 120 -16.80 2.98 6.08
C SER B 120 -17.79 3.96 6.70
N GLY B 121 -17.28 5.06 7.24
CA GLY B 121 -18.09 6.05 7.94
C GLY B 121 -17.17 7.14 8.42
N PRO B 122 -17.70 8.06 9.23
CA PRO B 122 -16.96 9.26 9.61
C PRO B 122 -15.90 9.00 10.68
N ASP B 123 -14.87 9.85 10.70
CA ASP B 123 -13.78 9.72 11.64
C ASP B 123 -14.24 9.85 13.07
N LYS B 124 -13.69 9.02 13.93
CA LYS B 124 -13.80 9.17 15.38
CA LYS B 124 -13.80 9.18 15.36
C LYS B 124 -12.35 9.30 15.86
N SER B 125 -11.87 10.52 15.89
CA SER B 125 -10.45 10.78 16.07
C SER B 125 -10.08 10.91 17.52
N GLY B 126 -8.81 10.64 17.81
CA GLY B 126 -8.29 10.65 19.16
C GLY B 126 -7.62 9.34 19.50
N ILE B 127 -6.86 9.37 20.60
CA ILE B 127 -6.20 8.19 21.14
C ILE B 127 -7.03 7.66 22.30
N THR B 128 -7.27 6.34 22.31
CA THR B 128 -7.99 5.69 23.42
C THR B 128 -7.06 4.61 24.02
N ALA B 129 -6.68 4.78 25.29
CA ALA B 129 -5.93 3.74 26.02
C ALA B 129 -6.87 2.60 26.40
N LEU B 130 -6.35 1.37 26.43
CA LEU B 130 -7.16 0.19 26.72
C LEU B 130 -6.58 -0.53 27.95
N ASP B 131 -7.24 -0.40 29.09
CA ASP B 131 -6.71 -0.94 30.36
C ASP B 131 -6.82 -2.48 30.39
N ARG B 132 -5.70 -3.16 30.64
CA ARG B 132 -5.71 -4.61 30.84
C ARG B 132 -6.71 -5.02 31.93
N LEU B 133 -6.86 -4.15 32.93
CA LEU B 133 -7.73 -4.39 34.09
C LEU B 133 -9.11 -3.72 33.93
N ALA B 134 -9.54 -3.48 32.69
CA ALA B 134 -10.86 -2.89 32.47
C ALA B 134 -11.93 -3.71 33.16
N LEU B 135 -12.96 -3.03 33.65
CA LEU B 135 -14.12 -3.66 34.26
C LEU B 135 -15.07 -4.14 33.17
N LEU B 136 -15.47 -5.40 33.28
CA LEU B 136 -16.24 -6.07 32.24
C LEU B 136 -17.66 -6.38 32.71
N THR B 137 -18.56 -6.55 31.75
CA THR B 137 -19.93 -6.95 32.05
C THR B 137 -20.30 -8.18 31.22
N PRO B 138 -21.28 -8.96 31.69
CA PRO B 138 -21.64 -10.17 30.97
C PRO B 138 -21.88 -9.99 29.47
N SER B 139 -21.34 -10.93 28.69
CA SER B 139 -21.47 -10.94 27.25
C SER B 139 -21.87 -12.33 26.77
N SER B 140 -22.26 -12.42 25.50
CA SER B 140 -22.80 -13.66 24.95
CA SER B 140 -22.80 -13.66 24.96
C SER B 140 -21.79 -14.80 24.88
N PRO B 141 -22.12 -15.96 25.47
CA PRO B 141 -21.33 -17.14 25.16
C PRO B 141 -21.60 -17.61 23.71
N PRO B 142 -20.86 -18.61 23.23
CA PRO B 142 -21.13 -19.14 21.91
C PRO B 142 -22.51 -19.78 21.84
N ASP B 143 -23.00 -19.98 20.62
CA ASP B 143 -24.25 -20.70 20.38
CA ASP B 143 -24.26 -20.67 20.44
C ASP B 143 -24.21 -22.05 21.09
N PRO B 144 -25.25 -22.38 21.89
CA PRO B 144 -25.26 -23.70 22.51
C PRO B 144 -25.09 -24.85 21.53
N SER B 145 -25.54 -24.67 20.29
CA SER B 145 -25.48 -25.75 19.30
C SER B 145 -24.08 -26.10 18.83
N ILE B 146 -23.10 -25.26 19.13
CA ILE B 146 -21.72 -25.53 18.72
C ILE B 146 -20.85 -25.89 19.93
N MSE B 147 -21.44 -26.01 21.12
CA MSE B 147 -20.66 -26.28 22.33
C MSE B 147 -20.36 -27.76 22.46
O MSE B 147 -21.21 -28.60 22.18
CB MSE B 147 -21.43 -25.83 23.57
CG MSE B 147 -21.66 -24.36 23.62
SE MSE B 147 -20.03 -23.32 23.71
CE MSE B 147 -19.25 -24.24 25.23
N ILE B 148 -19.15 -28.05 22.94
CA ILE B 148 -18.74 -29.37 23.39
C ILE B 148 -18.76 -29.42 24.91
N SER B 149 -18.20 -28.41 25.56
CA SER B 149 -18.20 -28.31 27.00
C SER B 149 -19.46 -27.64 27.50
N PRO B 150 -19.63 -27.55 28.84
CA PRO B 150 -20.72 -26.73 29.34
C PRO B 150 -20.54 -25.26 28.95
N LEU B 151 -21.63 -24.52 28.94
CA LEU B 151 -21.57 -23.11 28.56
CA LEU B 151 -21.56 -23.11 28.54
C LEU B 151 -20.73 -22.31 29.55
N PRO B 152 -19.88 -21.42 29.04
CA PRO B 152 -19.07 -20.60 29.90
C PRO B 152 -19.79 -19.34 30.35
N GLN B 153 -19.14 -18.60 31.23
CA GLN B 153 -19.52 -17.25 31.59
C GLN B 153 -18.48 -16.32 30.96
N CYS B 154 -18.96 -15.46 30.06
CA CYS B 154 -18.12 -14.50 29.34
C CYS B 154 -18.46 -13.10 29.76
N ARG B 155 -17.46 -12.22 29.73
CA ARG B 155 -17.67 -10.79 29.99
C ARG B 155 -16.87 -9.96 29.00
N SER B 156 -17.31 -8.74 28.74
CA SER B 156 -16.57 -7.87 27.85
CA SER B 156 -16.68 -7.86 27.76
C SER B 156 -16.80 -6.40 28.18
N ASN B 157 -15.96 -5.57 27.59
CA ASN B 157 -16.11 -4.11 27.63
C ASN B 157 -15.62 -3.60 26.29
N ASN B 158 -16.54 -3.11 25.47
CA ASN B 158 -16.19 -2.43 24.23
C ASN B 158 -15.72 -1.03 24.56
N LEU B 159 -14.41 -0.90 24.75
CA LEU B 159 -13.78 0.37 25.10
C LEU B 159 -13.72 1.36 23.94
N PHE B 160 -13.77 0.86 22.72
CA PHE B 160 -13.79 1.72 21.55
C PHE B 160 -14.68 1.10 20.47
N GLU B 161 -15.65 1.88 20.01
CA GLU B 161 -16.55 1.47 18.94
CA GLU B 161 -16.52 1.45 18.92
C GLU B 161 -16.38 2.48 17.81
N ASP B 162 -15.75 2.05 16.72
CA ASP B 162 -15.45 2.97 15.65
C ASP B 162 -16.70 3.38 14.89
N THR B 163 -16.64 4.58 14.31
CA THR B 163 -17.58 4.98 13.29
C THR B 163 -16.92 5.03 11.89
N ALA B 164 -15.59 5.02 11.83
CA ALA B 164 -14.86 5.03 10.55
C ALA B 164 -14.63 3.63 9.98
N SER B 165 -15.11 2.63 10.70
CA SER B 165 -15.01 1.21 10.36
C SER B 165 -15.97 0.49 11.27
N THR B 166 -16.08 -0.83 11.10
CA THR B 166 -16.88 -1.63 12.00
C THR B 166 -16.05 -2.16 13.17
N LEU B 167 -14.83 -1.66 13.38
CA LEU B 167 -14.04 -2.15 14.50
C LEU B 167 -14.69 -1.86 15.85
N ARG B 168 -14.63 -2.89 16.68
CA ARG B 168 -15.03 -2.84 18.06
CA ARG B 168 -15.02 -2.81 18.08
C ARG B 168 -13.85 -3.41 18.83
N ILE B 169 -13.35 -2.66 19.80
CA ILE B 169 -12.07 -2.95 20.43
C ILE B 169 -12.25 -2.89 21.94
N GLY B 170 -11.71 -3.87 22.65
CA GLY B 170 -11.91 -3.92 24.08
C GLY B 170 -11.22 -5.07 24.74
N VAL B 171 -11.76 -5.46 25.90
CA VAL B 171 -11.23 -6.51 26.72
C VAL B 171 -12.39 -7.49 26.98
N TRP B 172 -12.07 -8.78 26.96
CA TRP B 172 -13.04 -9.86 27.15
C TRP B 172 -12.43 -10.89 28.07
N ASP B 173 -13.26 -11.55 28.85
CA ASP B 173 -12.80 -12.72 29.58
C ASP B 173 -13.82 -13.83 29.58
N SER B 174 -13.36 -15.01 29.96
CA SER B 174 -14.22 -16.18 29.95
C SER B 174 -13.68 -17.29 30.82
N THR B 175 -14.60 -18.02 31.41
CA THR B 175 -14.31 -19.28 32.03
C THR B 175 -14.02 -20.30 30.90
N PRO B 176 -13.51 -21.49 31.23
CA PRO B 176 -13.07 -22.42 30.18
C PRO B 176 -14.20 -22.92 29.30
N TYR B 177 -13.89 -23.15 28.03
CA TYR B 177 -14.86 -23.83 27.15
C TYR B 177 -14.23 -24.41 25.91
N GLU B 178 -15.02 -25.27 25.27
CA GLU B 178 -14.64 -25.92 24.02
C GLU B 178 -15.85 -25.93 23.12
N ARG B 179 -15.65 -25.50 21.87
CA ARG B 179 -16.71 -25.54 20.85
C ARG B 179 -16.19 -26.20 19.59
N ILE B 180 -17.09 -26.57 18.71
CA ILE B 180 -16.68 -27.10 17.40
C ILE B 180 -16.17 -25.98 16.49
N SER B 181 -15.46 -26.38 15.44
CA SER B 181 -14.97 -25.46 14.44
C SER B 181 -16.12 -24.76 13.72
N ARG B 182 -15.93 -23.47 13.49
CA ARG B 182 -16.87 -22.62 12.74
CA ARG B 182 -16.86 -22.66 12.70
CA ARG B 182 -16.86 -22.63 12.73
C ARG B 182 -16.04 -21.60 11.96
N PRO B 183 -16.53 -21.18 10.78
CA PRO B 183 -15.83 -20.10 10.10
C PRO B 183 -16.01 -18.81 10.89
N HIS B 184 -14.92 -18.11 11.15
CA HIS B 184 -14.99 -16.91 11.99
C HIS B 184 -15.93 -15.91 11.32
N LYS B 185 -16.86 -15.36 12.08
CA LYS B 185 -17.86 -14.48 11.49
C LYS B 185 -17.32 -13.12 11.12
N ILE B 186 -16.24 -12.72 11.81
CA ILE B 186 -15.61 -11.42 11.61
C ILE B 186 -14.10 -11.61 11.66
N HIS B 187 -13.37 -10.54 11.34
CA HIS B 187 -11.92 -10.51 11.55
C HIS B 187 -11.67 -10.27 13.03
N GLU B 188 -10.66 -10.92 13.59
CA GLU B 188 -10.34 -10.73 15.00
C GLU B 188 -8.84 -10.76 15.30
N LEU B 189 -8.34 -9.70 15.89
CA LEU B 189 -7.05 -9.73 16.57
C LEU B 189 -7.31 -10.03 18.03
N MSE B 190 -6.54 -10.98 18.59
CA MSE B 190 -6.61 -11.33 20.02
CA MSE B 190 -6.60 -11.18 20.02
C MSE B 190 -5.20 -11.28 20.60
O MSE B 190 -4.30 -11.89 20.02
CB MSE B 190 -7.10 -12.75 20.20
CB MSE B 190 -7.50 -12.36 20.39
CG MSE B 190 -8.36 -13.10 19.50
CG MSE B 190 -6.86 -13.71 20.44
SE MSE B 190 -8.96 -14.86 20.08
SE MSE B 190 -8.13 -15.12 20.95
CE MSE B 190 -7.25 -15.64 20.53
CE MSE B 190 -8.91 -15.43 19.16
N ASN B 191 -5.05 -10.66 21.76
CA ASN B 191 -3.81 -10.73 22.54
C ASN B 191 -4.19 -11.23 23.91
N LEU B 192 -3.51 -12.27 24.38
CA LEU B 192 -3.89 -12.88 25.65
C LEU B 192 -3.27 -12.18 26.84
N ILE B 193 -4.12 -11.46 27.55
CA ILE B 193 -3.76 -10.83 28.82
C ILE B 193 -3.51 -11.93 29.87
N GLU B 194 -4.38 -12.94 29.91
CA GLU B 194 -4.22 -14.10 30.78
C GLU B 194 -4.67 -15.36 30.06
N GLY B 195 -4.07 -16.49 30.43
CA GLY B 195 -4.52 -17.78 29.96
C GLY B 195 -3.89 -18.24 28.66
N ARG B 196 -4.51 -19.27 28.10
CA ARG B 196 -3.99 -19.99 26.94
C ARG B 196 -5.18 -20.55 26.19
N VAL B 197 -5.08 -20.59 24.87
CA VAL B 197 -6.12 -21.20 24.09
CA VAL B 197 -6.14 -21.07 24.00
C VAL B 197 -5.51 -21.94 22.92
N VAL B 198 -6.14 -23.05 22.56
CA VAL B 198 -5.72 -23.82 21.37
C VAL B 198 -6.76 -23.57 20.30
N LEU B 199 -6.30 -23.09 19.15
CA LEU B 199 -7.13 -22.86 17.99
C LEU B 199 -6.84 -23.98 17.01
N SER B 200 -7.83 -24.82 16.73
CA SER B 200 -7.65 -25.93 15.78
C SER B 200 -8.16 -25.52 14.42
N LEU B 201 -7.39 -25.87 13.40
CA LEU B 201 -7.50 -25.27 12.08
C LEU B 201 -8.00 -26.26 11.02
N GLU B 202 -8.36 -25.70 9.86
CA GLU B 202 -8.97 -26.47 8.76
C GLU B 202 -8.10 -27.62 8.30
N ASN B 203 -6.79 -27.40 8.24
CA ASN B 203 -5.88 -28.43 7.74
C ASN B 203 -5.58 -29.54 8.74
N GLY B 204 -6.27 -29.58 9.87
CA GLY B 204 -6.10 -30.62 10.86
C GLY B 204 -5.01 -30.35 11.90
N SER B 205 -4.32 -29.23 11.75
CA SER B 205 -3.30 -28.78 12.73
C SER B 205 -3.93 -27.81 13.72
N SER B 206 -3.12 -27.42 14.70
CA SER B 206 -3.57 -26.49 15.72
CA SER B 206 -3.58 -26.46 15.69
C SER B 206 -2.49 -25.47 16.03
N LEU B 207 -2.92 -24.34 16.57
CA LEU B 207 -2.04 -23.31 17.06
CA LEU B 207 -1.98 -23.38 17.10
C LEU B 207 -2.34 -23.11 18.53
N THR B 208 -1.32 -23.17 19.36
CA THR B 208 -1.45 -22.86 20.78
C THR B 208 -1.08 -21.41 20.95
N VAL B 209 -2.01 -20.64 21.52
CA VAL B 209 -1.82 -19.22 21.79
C VAL B 209 -1.60 -19.09 23.30
N ASN B 210 -0.40 -18.67 23.67
CA ASN B 210 0.00 -18.58 25.07
C ASN B 210 -0.23 -17.18 25.60
N THR B 211 -0.13 -17.03 26.91
CA THR B 211 -0.23 -15.73 27.55
C THR B 211 0.77 -14.78 26.92
N GLY B 212 0.32 -13.60 26.53
CA GLY B 212 1.19 -12.60 25.95
C GLY B 212 1.44 -12.75 24.46
N ASP B 213 0.83 -13.74 23.83
CA ASP B 213 0.87 -13.89 22.37
C ASP B 213 -0.26 -13.11 21.72
N THR B 214 -0.03 -12.68 20.46
CA THR B 214 -1.06 -12.06 19.65
C THR B 214 -1.30 -12.91 18.39
N VAL B 215 -2.57 -13.17 18.12
CA VAL B 215 -3.00 -13.93 16.94
C VAL B 215 -4.07 -13.14 16.18
N PHE B 216 -4.12 -13.34 14.87
CA PHE B 216 -5.15 -12.78 14.02
C PHE B 216 -5.93 -13.90 13.33
N VAL B 217 -7.25 -13.83 13.44
CA VAL B 217 -8.16 -14.80 12.81
C VAL B 217 -8.91 -14.04 11.71
N ALA B 218 -8.67 -14.40 10.47
CA ALA B 218 -9.32 -13.74 9.35
C ALA B 218 -10.79 -14.15 9.29
N GLN B 219 -11.63 -13.22 8.87
CA GLN B 219 -13.03 -13.49 8.62
CA GLN B 219 -13.03 -13.50 8.64
C GLN B 219 -13.15 -14.69 7.68
N GLY B 220 -13.98 -15.66 8.06
CA GLY B 220 -14.17 -16.87 7.28
C GLY B 220 -13.24 -18.00 7.65
N ALA B 221 -12.21 -17.74 8.46
CA ALA B 221 -11.25 -18.79 8.79
C ALA B 221 -11.95 -19.86 9.65
N PRO B 222 -11.92 -21.13 9.23
CA PRO B 222 -12.40 -22.15 10.16
C PRO B 222 -11.52 -22.15 11.40
N CYS B 223 -12.15 -22.15 12.57
CA CYS B 223 -11.44 -22.00 13.82
C CYS B 223 -12.27 -22.70 14.88
N LYS B 224 -11.67 -23.70 15.52
CA LYS B 224 -12.19 -24.33 16.74
CA LYS B 224 -12.20 -24.33 16.75
C LYS B 224 -11.46 -23.72 17.94
N TRP B 225 -12.20 -23.44 19.01
CA TRP B 225 -11.66 -22.88 20.28
C TRP B 225 -11.71 -23.95 21.37
N THR B 226 -10.57 -24.17 22.03
CA THR B 226 -10.49 -24.97 23.25
C THR B 226 -9.66 -24.23 24.31
N SER B 227 -10.28 -23.93 25.45
CA SER B 227 -9.57 -23.44 26.62
C SER B 227 -9.97 -24.31 27.81
N THR B 228 -8.99 -24.61 28.65
CA THR B 228 -9.19 -25.41 29.85
C THR B 228 -9.05 -24.59 31.13
N GLY B 229 -8.75 -23.30 30.97
CA GLY B 229 -8.69 -22.36 32.08
C GLY B 229 -9.27 -21.02 31.64
N TYR B 230 -9.39 -20.12 32.60
CA TYR B 230 -9.76 -18.73 32.34
C TYR B 230 -8.89 -18.10 31.28
N VAL B 231 -9.50 -17.29 30.43
CA VAL B 231 -8.78 -16.50 29.43
C VAL B 231 -9.26 -15.07 29.52
N ARG B 232 -8.33 -14.14 29.40
CA ARG B 232 -8.66 -12.73 29.25
CA ARG B 232 -8.69 -12.72 29.21
C ARG B 232 -7.89 -12.23 28.03
N LYS B 233 -8.55 -11.48 27.14
CA LYS B 233 -7.90 -11.01 25.92
C LYS B 233 -8.22 -9.55 25.66
N PHE B 234 -7.27 -8.86 25.03
CA PHE B 234 -7.58 -7.69 24.20
C PHE B 234 -8.11 -8.23 22.89
N TYR B 235 -9.11 -7.54 22.33
CA TYR B 235 -9.64 -7.90 21.02
C TYR B 235 -9.82 -6.64 20.17
N ALA B 236 -9.67 -6.84 18.86
CA ALA B 236 -10.18 -5.93 17.84
C ALA B 236 -10.97 -6.79 16.89
N VAL B 237 -12.27 -6.56 16.76
CA VAL B 237 -13.10 -7.34 15.85
C VAL B 237 -13.81 -6.41 14.89
N THR B 238 -14.07 -6.91 13.68
CA THR B 238 -14.93 -6.18 12.77
C THR B 238 -16.39 -6.56 12.98
CL CL C . 7.53 -9.60 -9.70
C1 EDO D . -9.26 -11.66 -17.26
O1 EDO D . -10.50 -11.11 -16.82
C2 EDO D . -8.28 -11.68 -16.09
O2 EDO D . -8.78 -12.54 -15.04
C1 EDO E . -2.47 11.76 -8.29
O1 EDO E . -3.89 11.83 -8.07
C2 EDO E . -1.78 12.86 -7.49
O2 EDO E . -2.36 14.14 -7.77
C1 EDO F . 3.42 21.06 -22.04
O1 EDO F . 4.42 20.35 -21.31
C2 EDO F . 3.97 22.41 -22.48
O2 EDO F . 4.10 23.26 -21.33
C1 EDO G . 16.45 25.43 -32.82
O1 EDO G . 17.25 26.63 -32.82
C2 EDO G . 14.96 25.75 -32.93
O2 EDO G . 14.79 27.10 -33.37
CL CL H . 9.14 2.65 9.66
C1 EDO I . -2.53 -5.43 34.87
O1 EDO I . -1.73 -6.17 33.95
C2 EDO I . -1.85 -4.19 35.45
O2 EDO I . -2.10 -3.04 34.63
C1 EDO J . -1.98 -10.13 34.46
O1 EDO J . -0.88 -9.85 33.57
C2 EDO J . -2.63 -8.84 34.95
O2 EDO J . -3.06 -8.04 33.83
C1 EDO K . -0.84 -13.43 35.73
C1 EDO K . -0.69 -14.97 36.41
O1 EDO K . -1.14 -12.04 35.67
O1 EDO K . -1.89 -14.86 35.63
C2 EDO K . -0.26 -13.81 37.09
C2 EDO K . -0.46 -13.64 37.12
O2 EDO K . 0.91 -13.04 37.33
O2 EDO K . 0.94 -13.38 37.29
C1 EDO L . -17.54 -16.03 22.99
O1 EDO L . -18.79 -16.04 22.28
C2 EDO L . -16.52 -15.21 22.21
O2 EDO L . -17.10 -13.97 21.79
C1 EDO M . 1.05 15.67 17.20
O1 EDO M . 1.28 16.78 16.30
C2 EDO M . 0.51 16.19 18.50
O2 EDO M . -0.69 16.96 18.27
C1 EDO N . 0.78 -10.78 2.95
O1 EDO N . 0.40 -9.45 3.33
C2 EDO N . 1.76 -11.34 3.97
O2 EDO N . 3.10 -11.39 3.50
C1 EDO O . -15.12 -11.04 21.24
C1 EDO O . -14.48 -11.34 20.76
O1 EDO O . -14.98 -12.22 22.05
O1 EDO O . -14.84 -12.67 21.16
C2 EDO O . -15.17 -9.81 22.11
C2 EDO O . -15.18 -10.32 21.66
O2 EDO O . -16.50 -9.55 22.56
O2 EDO O . -15.91 -9.42 20.81
#